data_5SCW
#
_entry.id   5SCW
#
_cell.length_a   29.980
_cell.length_b   67.470
_cell.length_c   78.960
_cell.angle_alpha   90.000
_cell.angle_beta   90.000
_cell.angle_gamma   90.000
#
_symmetry.space_group_name_H-M   'P 21 21 21'
#
loop_
_entity.id
_entity.type
_entity.pdbx_description
1 polymer 'Dihydrofolate reductase'
2 non-polymer 'NADP NICOTINAMIDE-ADENINE-DINUCLEOTIDE PHOSPHATE'
3 non-polymer (2S)-4-(2-{3-[(2,4-diamino-6-ethylpyrimidin-5-yl)oxy]propoxy}phenyl)butane-1,2-diol
4 non-polymer 1,2-ETHANEDIOL
5 non-polymer 'CHLORIDE ION'
6 water water
#
_entity_poly.entity_id   1
_entity_poly.type   'polypeptide(L)'
_entity_poly.pdbx_seq_one_letter_code
;MGSSHHHHHHSSGLVPRGSHMVGLIWAQATSGVIGRGGDIPWRLPEDQAHFREITMGHTIVMGRRTWDSLPAKVRPLPGR
RNVVLSRQADFMASGAEVVGSLEEALTSPETWVIGGGQVYALALPYATRCEVTEVDIGLPREAGDALAPVLDETWRGETG
EWRFSRSGLRYRLYSYHRS
;
_entity_poly.pdbx_strand_id   A
#
# COMPACT_ATOMS: atom_id res chain seq x y z
N LEU A 14 -23.66 -1.02 2.83
CA LEU A 14 -23.76 -1.20 4.28
C LEU A 14 -23.15 0.00 5.01
N VAL A 15 -22.37 0.79 4.29
CA VAL A 15 -21.82 2.04 4.80
C VAL A 15 -22.63 3.19 4.22
N PRO A 16 -23.17 4.08 5.04
CA PRO A 16 -23.92 5.20 4.48
C PRO A 16 -23.03 6.06 3.59
N ARG A 17 -23.62 6.64 2.56
CA ARG A 17 -22.87 7.47 1.63
C ARG A 17 -22.41 8.76 2.31
N GLY A 18 -21.34 9.36 1.76
CA GLY A 18 -20.86 10.66 2.21
C GLY A 18 -19.54 10.63 2.97
N SER A 19 -19.01 9.46 3.27
CA SER A 19 -17.75 9.31 3.99
C SER A 19 -16.57 9.19 3.03
N HIS A 20 -15.35 9.30 3.58
CA HIS A 20 -14.12 9.18 2.79
C HIS A 20 -13.16 8.26 3.55
N MET A 21 -13.26 6.95 3.29
CA MET A 21 -12.40 5.99 3.97
C MET A 21 -11.01 5.99 3.34
N VAL A 22 -9.98 6.13 4.17
CA VAL A 22 -8.60 6.05 3.70
C VAL A 22 -7.97 4.81 4.32
N GLY A 23 -7.40 3.94 3.48
CA GLY A 23 -6.75 2.73 3.94
C GLY A 23 -5.30 2.71 3.44
N LEU A 24 -4.45 2.03 4.19
CA LEU A 24 -3.08 1.78 3.76
C LEU A 24 -2.96 0.28 3.52
N ILE A 25 -2.22 -0.10 2.49
CA ILE A 25 -2.01 -1.53 2.24
C ILE A 25 -0.55 -1.72 1.87
N TRP A 26 0.13 -2.68 2.52
CA TRP A 26 1.53 -2.93 2.21
C TRP A 26 1.87 -4.37 2.55
N ALA A 27 2.99 -4.83 2.01
CA ALA A 27 3.55 -6.13 2.36
C ALA A 27 4.94 -5.88 2.94
N GLN A 28 5.24 -6.48 4.09
CA GLN A 28 6.53 -6.27 4.73
C GLN A 28 7.19 -7.58 5.13
N ALA A 29 8.53 -7.55 5.15
CA ALA A 29 9.26 -8.58 5.83
C ALA A 29 9.02 -8.40 7.33
N THR A 30 9.35 -9.45 8.09
N THR A 30 9.38 -9.43 8.10
CA THR A 30 9.24 -9.36 9.55
CA THR A 30 9.20 -9.33 9.55
C THR A 30 9.98 -8.15 10.09
C THR A 30 10.05 -8.22 10.15
N SER A 31 11.13 -7.83 9.48
CA SER A 31 11.94 -6.68 9.90
C SER A 31 11.25 -5.33 9.70
N GLY A 32 10.21 -5.27 8.87
CA GLY A 32 9.62 -4.00 8.49
C GLY A 32 10.04 -3.48 7.13
N VAL A 33 11.03 -4.10 6.50
CA VAL A 33 11.43 -3.69 5.16
C VAL A 33 10.31 -3.92 4.17
N ILE A 34 10.02 -2.91 3.34
CA ILE A 34 9.05 -3.06 2.25
C ILE A 34 9.66 -2.85 0.87
N GLY A 35 10.80 -2.22 0.75
CA GLY A 35 11.32 -1.93 -0.57
C GLY A 35 12.82 -1.86 -0.48
N ARG A 36 13.47 -2.20 -1.59
CA ARG A 36 14.93 -2.21 -1.65
C ARG A 36 15.33 -2.16 -3.12
N GLY A 37 16.26 -1.27 -3.45
CA GLY A 37 16.72 -1.14 -4.83
C GLY A 37 15.61 -0.79 -5.81
N GLY A 38 14.66 0.04 -5.37
CA GLY A 38 13.52 0.39 -6.20
C GLY A 38 12.58 -0.75 -6.54
N ASP A 39 12.59 -1.82 -5.75
CA ASP A 39 11.79 -3.00 -6.03
C ASP A 39 11.26 -3.53 -4.70
N ILE A 40 10.37 -4.52 -4.77
CA ILE A 40 9.99 -5.31 -3.60
C ILE A 40 10.90 -6.54 -3.58
N PRO A 41 11.64 -6.80 -2.49
CA PRO A 41 12.68 -7.84 -2.53
C PRO A 41 12.20 -9.28 -2.37
N TRP A 42 10.99 -9.57 -2.81
CA TRP A 42 10.48 -10.94 -2.89
C TRP A 42 9.36 -10.94 -3.92
N ARG A 43 8.92 -12.12 -4.30
CA ARG A 43 7.73 -12.25 -5.12
C ARG A 43 6.78 -13.26 -4.48
N LEU A 44 5.50 -12.89 -4.47
CA LEU A 44 4.48 -13.61 -3.72
C LEU A 44 3.17 -13.42 -4.46
N PRO A 45 2.89 -14.25 -5.45
CA PRO A 45 1.70 -13.99 -6.29
C PRO A 45 0.42 -13.99 -5.49
N GLU A 46 0.37 -14.72 -4.38
CA GLU A 46 -0.81 -14.69 -3.53
C GLU A 46 -1.00 -13.32 -2.90
N ASP A 47 0.08 -12.60 -2.63
CA ASP A 47 -0.06 -11.23 -2.17
C ASP A 47 -0.52 -10.31 -3.29
N GLN A 48 -0.06 -10.56 -4.53
CA GLN A 48 -0.58 -9.77 -5.64
C GLN A 48 -2.09 -9.92 -5.78
N ALA A 49 -2.59 -11.16 -5.68
CA ALA A 49 -4.03 -11.37 -5.78
C ALA A 49 -4.76 -10.68 -4.63
N HIS A 50 -4.21 -10.77 -3.41
CA HIS A 50 -4.81 -10.11 -2.25
C HIS A 50 -4.82 -8.61 -2.41
N PHE A 51 -3.71 -8.06 -2.87
CA PHE A 51 -3.62 -6.63 -3.13
C PHE A 51 -4.71 -6.17 -4.11
N ARG A 52 -4.84 -6.89 -5.23
CA ARG A 52 -5.84 -6.53 -6.23
C ARG A 52 -7.25 -6.60 -5.65
N GLU A 53 -7.51 -7.60 -4.81
CA GLU A 53 -8.86 -7.77 -4.27
C GLU A 53 -9.24 -6.63 -3.35
N ILE A 54 -8.32 -6.20 -2.48
CA ILE A 54 -8.65 -5.12 -1.56
C ILE A 54 -8.82 -3.80 -2.32
N THR A 55 -7.97 -3.55 -3.30
CA THR A 55 -7.97 -2.21 -3.91
C THR A 55 -8.94 -2.06 -5.08
N MET A 56 -9.44 -3.17 -5.64
CA MET A 56 -10.21 -3.10 -6.88
C MET A 56 -11.43 -2.19 -6.76
N GLY A 57 -11.62 -1.36 -7.78
CA GLY A 57 -12.78 -0.49 -7.85
C GLY A 57 -12.65 0.80 -7.08
N HIS A 58 -11.50 1.06 -6.44
CA HIS A 58 -11.30 2.24 -5.62
C HIS A 58 -10.19 3.10 -6.19
N THR A 59 -10.02 4.27 -5.61
CA THR A 59 -8.86 5.08 -5.91
C THR A 59 -7.64 4.50 -5.21
N ILE A 60 -6.52 4.48 -5.91
CA ILE A 60 -5.24 4.10 -5.33
C ILE A 60 -4.30 5.29 -5.43
N VAL A 61 -3.61 5.59 -4.34
CA VAL A 61 -2.65 6.69 -4.31
C VAL A 61 -1.26 6.12 -4.07
N MET A 62 -0.28 6.60 -4.83
CA MET A 62 1.07 6.08 -4.67
C MET A 62 2.07 7.20 -4.88
N GLY A 63 3.24 7.05 -4.27
CA GLY A 63 4.31 7.96 -4.55
C GLY A 63 4.89 7.75 -5.94
N ARG A 64 5.60 8.78 -6.40
CA ARG A 64 6.20 8.71 -7.73
C ARG A 64 7.17 7.55 -7.86
N ARG A 65 7.96 7.24 -6.83
CA ARG A 65 8.90 6.14 -6.97
C ARG A 65 8.17 4.80 -7.10
N THR A 66 7.00 4.67 -6.46
CA THR A 66 6.24 3.44 -6.58
C THR A 66 5.61 3.31 -7.96
N TRP A 67 5.11 4.42 -8.52
CA TRP A 67 4.74 4.43 -9.94
C TRP A 67 5.89 3.96 -10.82
N ASP A 68 7.10 4.48 -10.58
CA ASP A 68 8.25 4.10 -11.40
C ASP A 68 8.62 2.64 -11.20
N SER A 69 8.31 2.09 -10.04
CA SER A 69 8.64 0.71 -9.76
C SER A 69 7.73 -0.26 -10.50
N LEU A 70 6.57 0.22 -10.99
CA LEU A 70 5.65 -0.59 -11.77
C LEU A 70 6.15 -0.74 -13.20
N PRO A 71 6.16 -1.95 -13.76
CA PRO A 71 6.51 -2.10 -15.18
C PRO A 71 5.58 -1.29 -16.06
N ALA A 72 6.15 -0.70 -17.11
CA ALA A 72 5.37 0.14 -18.02
C ALA A 72 4.16 -0.59 -18.57
N LYS A 73 4.28 -1.91 -18.80
CA LYS A 73 3.21 -2.67 -19.44
C LYS A 73 2.03 -2.94 -18.51
N VAL A 74 2.14 -2.65 -17.23
CA VAL A 74 1.09 -2.96 -16.27
C VAL A 74 0.49 -1.73 -15.62
N ARG A 75 0.93 -0.53 -15.99
CA ARG A 75 0.37 0.66 -15.37
C ARG A 75 -0.32 1.54 -16.42
N PRO A 76 -1.42 2.22 -16.05
CA PRO A 76 -1.96 2.32 -14.69
C PRO A 76 -2.62 1.01 -14.28
N LEU A 77 -2.73 0.76 -13.00
CA LEU A 77 -3.33 -0.49 -12.57
C LEU A 77 -4.80 -0.53 -12.97
N PRO A 78 -5.28 -1.61 -13.57
CA PRO A 78 -6.62 -1.60 -14.14
C PRO A 78 -7.70 -1.66 -13.08
N GLY A 79 -8.85 -1.06 -13.41
CA GLY A 79 -10.02 -1.12 -12.54
C GLY A 79 -9.99 -0.16 -11.36
N ARG A 80 -8.99 0.70 -11.28
CA ARG A 80 -8.80 1.61 -10.17
C ARG A 80 -8.39 2.97 -10.71
N ARG A 81 -8.83 4.02 -10.02
CA ARG A 81 -8.40 5.38 -10.35
C ARG A 81 -6.99 5.55 -9.81
N ASN A 82 -6.00 5.71 -10.69
CA ASN A 82 -4.60 5.81 -10.23
C ASN A 82 -4.23 7.27 -9.95
N VAL A 83 -3.68 7.53 -8.78
CA VAL A 83 -3.25 8.87 -8.39
C VAL A 83 -1.79 8.80 -7.98
N VAL A 84 -0.96 9.66 -8.54
CA VAL A 84 0.48 9.67 -8.26
C VAL A 84 0.85 10.98 -7.59
N LEU A 85 1.53 10.90 -6.46
CA LEU A 85 1.96 12.08 -5.73
C LEU A 85 3.39 12.42 -6.10
N SER A 86 3.62 13.65 -6.51
CA SER A 86 4.95 14.09 -6.93
C SER A 86 5.10 15.58 -6.61
N ARG A 87 6.34 16.02 -6.39
CA ARG A 87 6.61 17.46 -6.36
C ARG A 87 6.96 18.03 -7.73
N GLN A 88 6.96 17.21 -8.79
CA GLN A 88 7.25 17.67 -10.14
C GLN A 88 5.91 17.82 -10.85
N ALA A 89 5.50 19.07 -11.11
CA ALA A 89 4.23 19.32 -11.78
C ALA A 89 4.18 18.69 -13.17
N ASP A 90 5.30 18.63 -13.87
CA ASP A 90 5.29 18.12 -15.23
C ASP A 90 5.50 16.60 -15.29
N PHE A 91 5.39 15.90 -14.17
CA PHE A 91 5.66 14.46 -14.20
C PHE A 91 4.68 13.75 -15.14
N MET A 92 5.21 12.87 -15.97
CA MET A 92 4.43 12.16 -16.99
C MET A 92 4.04 10.79 -16.44
N ALA A 93 2.75 10.61 -16.15
CA ALA A 93 2.22 9.35 -15.63
C ALA A 93 1.01 9.01 -16.47
N SER A 94 1.26 8.35 -17.59
CA SER A 94 0.24 8.08 -18.58
C SER A 94 -0.89 7.26 -17.97
N GLY A 95 -2.09 7.82 -17.98
CA GLY A 95 -3.25 7.12 -17.44
C GLY A 95 -3.53 7.37 -15.98
N ALA A 96 -2.75 8.24 -15.33
CA ALA A 96 -2.90 8.53 -13.92
C ALA A 96 -3.03 10.04 -13.72
N GLU A 97 -3.65 10.42 -12.61
CA GLU A 97 -3.67 11.81 -12.16
C GLU A 97 -2.42 12.06 -11.32
N VAL A 98 -1.83 13.23 -11.47
CA VAL A 98 -0.65 13.61 -10.69
C VAL A 98 -1.05 14.77 -9.79
N VAL A 99 -0.79 14.63 -8.49
CA VAL A 99 -1.15 15.61 -7.48
C VAL A 99 0.11 15.97 -6.71
N GLY A 100 0.11 17.17 -6.14
CA GLY A 100 1.24 17.76 -5.43
C GLY A 100 1.12 17.75 -3.93
N SER A 101 0.00 17.26 -3.40
CA SER A 101 -0.21 17.04 -1.97
C SER A 101 -1.35 16.05 -1.82
N LEU A 102 -1.54 15.54 -0.60
CA LEU A 102 -2.68 14.65 -0.37
C LEU A 102 -3.99 15.40 -0.22
N GLU A 103 -3.96 16.73 -0.21
CA GLU A 103 -5.13 17.52 0.12
C GLU A 103 -6.29 17.24 -0.84
N GLU A 104 -5.99 16.89 -2.10
CA GLU A 104 -7.04 16.56 -3.06
C GLU A 104 -6.88 15.16 -3.62
N ALA A 105 -6.07 14.32 -2.99
CA ALA A 105 -5.93 12.93 -3.38
C ALA A 105 -6.92 12.01 -2.66
N LEU A 106 -7.59 12.49 -1.61
CA LEU A 106 -8.34 11.62 -0.72
C LEU A 106 -9.84 11.91 -0.77
N THR A 107 -10.35 12.30 -1.94
CA THR A 107 -11.72 12.74 -2.10
C THR A 107 -12.71 11.63 -2.45
N SER A 108 -12.25 10.44 -2.82
CA SER A 108 -13.15 9.37 -3.20
CA SER A 108 -13.13 9.35 -3.21
C SER A 108 -13.83 8.78 -1.97
N PRO A 109 -14.90 8.00 -2.16
CA PRO A 109 -15.51 7.33 -1.00
C PRO A 109 -14.55 6.37 -0.30
N GLU A 110 -13.61 5.79 -1.05
CA GLU A 110 -12.69 4.82 -0.49
C GLU A 110 -11.38 4.94 -1.27
N THR A 111 -10.29 5.22 -0.56
CA THR A 111 -8.99 5.40 -1.18
C THR A 111 -8.00 4.49 -0.47
N TRP A 112 -7.19 3.77 -1.26
CA TRP A 112 -6.13 2.91 -0.74
C TRP A 112 -4.78 3.51 -1.11
N VAL A 113 -3.96 3.78 -0.09
CA VAL A 113 -2.60 4.26 -0.29
C VAL A 113 -1.73 3.03 -0.45
N ILE A 114 -1.04 2.93 -1.59
CA ILE A 114 -0.38 1.68 -1.93
C ILE A 114 1.14 1.79 -1.85
N GLY A 115 1.64 2.88 -1.27
CA GLY A 115 3.06 3.06 -1.02
C GLY A 115 3.61 4.28 -1.74
N GLY A 116 4.91 4.51 -1.55
CA GLY A 116 5.77 3.65 -0.75
C GLY A 116 6.00 4.20 0.64
N GLY A 117 7.23 4.05 1.13
CA GLY A 117 7.53 4.41 2.52
C GLY A 117 7.14 5.83 2.87
N GLN A 118 7.49 6.80 2.02
CA GLN A 118 7.20 8.20 2.29
C GLN A 118 5.70 8.48 2.30
N VAL A 119 4.96 7.93 1.34
CA VAL A 119 3.55 8.25 1.23
C VAL A 119 2.75 7.61 2.36
N TYR A 120 3.15 6.43 2.85
CA TYR A 120 2.48 5.88 4.04
C TYR A 120 2.54 6.85 5.20
N ALA A 121 3.69 7.50 5.37
CA ALA A 121 3.85 8.39 6.51
C ALA A 121 2.97 9.62 6.37
N LEU A 122 2.82 10.11 5.14
CA LEU A 122 1.98 11.28 4.90
C LEU A 122 0.52 10.97 5.16
N ALA A 123 0.09 9.76 4.84
CA ALA A 123 -1.33 9.45 4.83
C ALA A 123 -1.79 8.78 6.10
N LEU A 124 -0.87 8.21 6.87
CA LEU A 124 -1.23 7.50 8.09
C LEU A 124 -2.15 8.31 9.01
N PRO A 125 -1.96 9.63 9.21
CA PRO A 125 -2.89 10.34 10.12
C PRO A 125 -4.34 10.28 9.73
N TYR A 126 -4.63 10.08 8.44
CA TYR A 126 -6.00 10.09 7.95
C TYR A 126 -6.58 8.68 7.78
N ALA A 127 -5.76 7.63 7.98
CA ALA A 127 -6.19 6.27 7.70
C ALA A 127 -7.02 5.66 8.82
N THR A 128 -8.02 4.86 8.45
CA THR A 128 -8.81 4.05 9.38
C THR A 128 -8.74 2.55 9.08
N ARG A 129 -8.02 2.13 8.05
CA ARG A 129 -7.79 0.71 7.83
C ARG A 129 -6.35 0.54 7.39
N CYS A 130 -5.72 -0.55 7.83
CA CYS A 130 -4.43 -1.00 7.30
C CYS A 130 -4.59 -2.47 6.95
N GLU A 131 -4.18 -2.84 5.74
CA GLU A 131 -4.14 -4.24 5.33
C GLU A 131 -2.66 -4.59 5.14
N VAL A 132 -2.15 -5.48 5.98
CA VAL A 132 -0.73 -5.79 6.02
C VAL A 132 -0.52 -7.25 5.64
N THR A 133 0.42 -7.49 4.74
CA THR A 133 0.92 -8.82 4.48
C THR A 133 2.27 -8.92 5.15
N GLU A 134 2.47 -9.92 6.00
CA GLU A 134 3.78 -10.12 6.62
C GLU A 134 4.41 -11.33 5.97
N VAL A 135 5.63 -11.17 5.45
CA VAL A 135 6.34 -12.25 4.76
C VAL A 135 7.49 -12.70 5.65
N ASP A 136 7.55 -14.00 5.93
CA ASP A 136 8.56 -14.56 6.83
C ASP A 136 9.84 -14.75 6.05
N ILE A 137 10.48 -13.64 5.77
CA ILE A 137 11.77 -13.62 5.12
C ILE A 137 12.70 -12.80 6.01
N GLY A 138 13.91 -13.28 6.17
CA GLY A 138 14.89 -12.59 6.98
C GLY A 138 15.64 -11.55 6.19
N LEU A 139 15.19 -10.31 6.26
CA LEU A 139 15.83 -9.20 5.57
C LEU A 139 16.08 -8.12 6.61
N PRO A 140 17.20 -8.17 7.30
CA PRO A 140 17.53 -7.07 8.21
C PRO A 140 17.59 -5.75 7.45
N ARG A 141 17.09 -4.69 8.10
CA ARG A 141 17.07 -3.38 7.48
C ARG A 141 18.46 -2.93 7.08
N GLU A 142 18.53 -2.27 5.93
CA GLU A 142 19.78 -1.78 5.36
C GLU A 142 19.62 -0.32 4.98
N ALA A 143 20.75 0.36 4.84
CA ALA A 143 20.71 1.78 4.47
C ALA A 143 19.93 1.98 3.17
N GLY A 144 18.95 2.87 3.20
CA GLY A 144 18.15 3.19 2.04
C GLY A 144 16.93 2.32 1.84
N ASP A 145 16.70 1.33 2.69
CA ASP A 145 15.47 0.55 2.59
C ASP A 145 14.24 1.43 2.81
N ALA A 146 13.16 1.13 2.08
CA ALA A 146 11.85 1.65 2.42
C ALA A 146 11.25 0.76 3.51
N LEU A 147 10.65 1.38 4.53
CA LEU A 147 10.17 0.69 5.71
C LEU A 147 8.67 0.91 5.91
N ALA A 148 8.04 -0.09 6.51
CA ALA A 148 6.64 0.02 6.86
C ALA A 148 6.45 1.01 8.00
N PRO A 149 5.26 1.62 8.08
CA PRO A 149 4.94 2.39 9.27
C PRO A 149 4.79 1.48 10.48
N VAL A 150 5.07 2.06 11.63
CA VAL A 150 4.94 1.40 12.92
C VAL A 150 3.63 1.90 13.51
N LEU A 151 2.65 1.01 13.65
CA LEU A 151 1.34 1.44 14.11
C LEU A 151 1.35 1.69 15.61
N ASP A 152 0.55 2.66 16.04
CA ASP A 152 0.44 2.92 17.47
C ASP A 152 -0.74 2.15 18.05
N GLU A 153 -1.03 2.40 19.33
CA GLU A 153 -2.00 1.62 20.08
C GLU A 153 -3.43 1.93 19.69
N THR A 154 -3.69 2.94 18.85
CA THR A 154 -5.07 3.23 18.45
C THR A 154 -5.61 2.19 17.47
N TRP A 155 -4.76 1.35 16.90
CA TRP A 155 -5.15 0.39 15.88
C TRP A 155 -5.49 -0.94 16.55
N ARG A 156 -6.52 -1.59 16.06
CA ARG A 156 -6.90 -2.91 16.53
C ARG A 156 -7.13 -3.77 15.30
N GLY A 157 -7.10 -5.10 15.46
CA GLY A 157 -7.41 -5.90 14.30
C GLY A 157 -7.21 -7.37 14.50
N GLU A 158 -7.19 -8.08 13.36
CA GLU A 158 -7.17 -9.52 13.28
C GLU A 158 -5.85 -9.97 12.66
N THR A 159 -5.29 -11.03 13.23
CA THR A 159 -4.08 -11.65 12.71
C THR A 159 -4.47 -12.96 12.05
N GLY A 160 -4.09 -13.13 10.80
CA GLY A 160 -4.40 -14.35 10.10
C GLY A 160 -3.40 -15.46 10.38
N GLU A 161 -3.80 -16.67 9.98
CA GLU A 161 -2.93 -17.83 10.09
C GLU A 161 -1.78 -17.74 9.08
N TRP A 162 -0.62 -18.28 9.46
CA TRP A 162 0.46 -18.45 8.49
C TRP A 162 0.02 -19.39 7.36
N ARG A 163 0.47 -19.10 6.15
CA ARG A 163 0.21 -19.96 5.00
C ARG A 163 1.45 -20.01 4.12
N PHE A 164 1.69 -21.16 3.49
CA PHE A 164 2.78 -21.29 2.53
C PHE A 164 2.29 -20.84 1.16
N SER A 165 3.08 -19.99 0.51
CA SER A 165 2.89 -19.73 -0.90
C SER A 165 3.46 -20.89 -1.72
N ARG A 166 3.16 -20.86 -3.02
CA ARG A 166 3.65 -21.88 -3.93
C ARG A 166 5.17 -21.93 -3.96
N SER A 167 5.83 -20.80 -3.69
CA SER A 167 7.29 -20.78 -3.66
C SER A 167 7.88 -21.37 -2.38
N GLY A 168 7.07 -21.64 -1.37
CA GLY A 168 7.57 -22.13 -0.10
C GLY A 168 7.79 -21.05 0.96
N LEU A 169 7.80 -19.77 0.56
CA LEU A 169 7.77 -18.69 1.54
C LEU A 169 6.45 -18.72 2.31
N ARG A 170 6.50 -18.45 3.61
CA ARG A 170 5.24 -18.34 4.33
C ARG A 170 4.91 -16.88 4.63
N TYR A 171 3.62 -16.61 4.78
CA TYR A 171 3.13 -15.25 4.92
C TYR A 171 1.84 -15.31 5.71
N ARG A 172 1.46 -14.14 6.25
CA ARG A 172 0.17 -14.03 6.89
C ARG A 172 -0.36 -12.63 6.73
N LEU A 173 -1.68 -12.50 6.89
CA LEU A 173 -2.38 -11.27 6.64
C LEU A 173 -2.87 -10.69 7.96
N TYR A 174 -2.73 -9.37 8.10
CA TYR A 174 -3.27 -8.61 9.23
C TYR A 174 -4.30 -7.63 8.68
N SER A 175 -5.43 -7.47 9.38
CA SER A 175 -6.43 -6.47 9.03
CA SER A 175 -6.42 -6.46 9.03
C SER A 175 -6.60 -5.57 10.25
N TYR A 176 -6.16 -4.31 10.14
CA TYR A 176 -6.25 -3.37 11.24
C TYR A 176 -7.27 -2.30 10.93
N HIS A 177 -7.94 -1.81 11.97
CA HIS A 177 -8.86 -0.71 11.78
CA HIS A 177 -9.00 -0.82 11.86
C HIS A 177 -8.87 0.18 13.01
N ARG A 178 -9.37 1.39 12.83
CA ARG A 178 -9.59 2.28 13.95
C ARG A 178 -10.70 3.26 13.57
N SER A 179 -11.13 4.03 14.55
CA SER A 179 -12.23 4.99 14.36
C SER A 179 -11.81 6.28 13.65
#